data_4MHZ
#
_entry.id   4MHZ
#
_cell.length_a   55.259
_cell.length_b   71.435
_cell.length_c   80.246
_cell.angle_alpha   90.00
_cell.angle_beta   90.00
_cell.angle_gamma   90.00
#
_symmetry.space_group_name_H-M   'P 21 21 21'
#
loop_
_entity.id
_entity.type
_entity.pdbx_description
1 polymer 'Glutaminyl cyclase, putative'
2 non-polymer 1-(3,4-dimethoxyphenyl)-3-[3-(1H-imidazol-1-yl)propyl]thiourea
3 water water
#
_entity_poly.entity_id   1
_entity_poly.type   'polypeptide(L)'
_entity_poly.pdbx_seq_one_letter_code
;LKWPRDLRPLAHHDLLYMGQISEEDRGDFNATLRNFLVPRVVGSQKHREVREFIVRSLKDLDWDVEEDCFDGQTPHGIKP
FCNVIATLNPSACHRLVLACHYDSLLHKEGTFIGATDSAVPCAQLLYLARSLNGKLQNQKTRGDGLTLQLVFFDGEEAFE
RWSSHDSLYGSRHLAQKWHEDRTSAERLESCLERSEIANQIDRMEVMVLLDLLGAENPRFYSYFGETQPVYRRLVNIESR
LNDAGLMELPRRRRRTNYFSNSSTVGFIEDDHIPFLKRSVPIVHIIPSPFPDVWHTLDDNEQNLHHPTISNLNKIFKAFV
SEYLQL
;
_entity_poly.pdbx_strand_id   A
#
loop_
_chem_comp.id
_chem_comp.type
_chem_comp.name
_chem_comp.formula
PBD non-polymer 1-(3,4-dimethoxyphenyl)-3-[3-(1H-imidazol-1-yl)propyl]thiourea 'C15 H20 N4 O2 S'
#
# COMPACT_ATOMS: atom_id res chain seq x y z
N LEU A 1 5.70 -21.19 -9.72
CA LEU A 1 6.25 -22.24 -8.82
C LEU A 1 5.86 -21.97 -7.34
N LYS A 2 6.73 -22.33 -6.42
CA LYS A 2 6.48 -22.12 -5.00
C LYS A 2 6.83 -20.70 -4.68
N TRP A 3 6.01 -20.07 -3.85
CA TRP A 3 6.38 -18.81 -3.23
C TRP A 3 7.69 -18.99 -2.45
N PRO A 4 8.67 -18.07 -2.62
CA PRO A 4 10.02 -18.21 -2.06
C PRO A 4 10.13 -18.25 -0.54
N ARG A 5 9.09 -17.79 0.12
CA ARG A 5 9.01 -17.78 1.57
C ARG A 5 7.83 -18.67 1.96
N ASP A 6 8.05 -19.61 2.85
CA ASP A 6 6.97 -20.50 3.26
C ASP A 6 6.01 -19.75 4.18
N LEU A 7 4.73 -19.73 3.81
CA LEU A 7 3.70 -18.83 4.40
C LEU A 7 2.90 -19.53 5.50
N ARG A 8 3.33 -19.33 6.76
CA ARG A 8 2.78 -19.94 7.97
C ARG A 8 1.44 -19.32 8.41
N PRO A 9 0.36 -20.14 8.42
CA PRO A 9 -0.95 -19.57 8.68
C PRO A 9 -1.01 -18.97 10.07
N LEU A 10 -1.63 -17.82 10.17
CA LEU A 10 -1.77 -17.12 11.41
C LEU A 10 -2.45 -18.01 12.43
N ALA A 11 -1.89 -18.08 13.63
CA ALA A 11 -2.54 -18.81 14.72
C ALA A 11 -3.85 -18.11 15.05
N HIS A 12 -4.83 -18.88 15.48
CA HIS A 12 -6.16 -18.31 15.77
C HIS A 12 -6.10 -17.17 16.75
N HIS A 13 -5.24 -17.29 17.76
CA HIS A 13 -5.05 -16.23 18.75
C HIS A 13 -4.64 -14.91 18.14
N ASP A 14 -3.72 -14.98 17.18
CA ASP A 14 -3.23 -13.82 16.50
C ASP A 14 -4.27 -13.23 15.51
N LEU A 15 -5.00 -14.09 14.83
CA LEU A 15 -6.12 -13.64 13.99
C LEU A 15 -7.09 -12.78 14.82
N LEU A 16 -7.48 -13.28 15.99
CA LEU A 16 -8.45 -12.58 16.82
C LEU A 16 -7.95 -11.23 17.31
N TYR A 17 -6.68 -11.17 17.60
CA TYR A 17 -6.11 -9.97 18.13
C TYR A 17 -6.02 -8.95 16.99
N MET A 18 -5.53 -9.38 15.84
CA MET A 18 -5.43 -8.53 14.66
C MET A 18 -6.80 -8.06 14.17
N GLY A 19 -7.85 -8.85 14.40
CA GLY A 19 -9.20 -8.47 14.00
C GLY A 19 -10.03 -7.66 15.01
N GLN A 20 -9.44 -7.21 16.10
CA GLN A 20 -10.15 -6.36 17.06
C GLN A 20 -9.81 -4.93 16.70
N ILE A 21 -10.83 -4.11 16.68
CA ILE A 21 -10.66 -2.69 16.45
C ILE A 21 -11.27 -2.08 17.74
N SER A 22 -10.50 -1.25 18.45
CA SER A 22 -11.01 -0.56 19.64
C SER A 22 -12.17 0.36 19.28
N GLU A 24 -11.20 3.72 20.13
CA GLU A 24 -9.97 4.50 20.08
C GLU A 24 -9.06 4.14 18.90
N ASP A 25 -9.14 2.89 18.43
CA ASP A 25 -8.50 2.44 17.19
C ASP A 25 -9.13 3.08 15.99
N ARG A 26 -10.47 3.07 16.01
CA ARG A 26 -11.24 3.77 15.02
C ARG A 26 -10.85 5.21 15.06
N GLY A 27 -10.74 5.75 16.27
CA GLY A 27 -10.43 7.17 16.47
C GLY A 27 -9.03 7.54 16.04
N ASP A 28 -8.08 6.66 16.30
CA ASP A 28 -6.72 6.89 15.84
C ASP A 28 -6.64 6.94 14.29
N PHE A 29 -7.26 5.95 13.63
CA PHE A 29 -7.26 5.88 12.17
C PHE A 29 -7.89 7.14 11.60
N ASN A 30 -9.05 7.54 12.12
CA ASN A 30 -9.71 8.74 11.59
C ASN A 30 -8.95 10.06 11.77
N ALA A 31 -8.17 10.16 12.85
CA ALA A 31 -7.32 11.33 13.12
C ALA A 31 -6.17 11.37 12.13
N THR A 32 -5.64 10.20 11.82
CA THR A 32 -4.56 10.09 10.82
C THR A 32 -5.11 10.48 9.43
N LEU A 33 -6.26 9.89 9.06
CA LEU A 33 -6.95 10.15 7.80
C LEU A 33 -7.28 11.63 7.57
N ARG A 34 -7.65 12.35 8.62
CA ARG A 34 -7.98 13.79 8.50
C ARG A 34 -6.81 14.62 7.90
N ASN A 35 -5.58 14.17 8.14
CA ASN A 35 -4.41 14.81 7.59
C ASN A 35 -4.34 14.66 6.05
N PHE A 36 -4.95 13.60 5.50
CA PHE A 36 -4.90 13.39 4.04
C PHE A 36 -6.14 13.93 3.33
N LEU A 37 -7.15 14.34 4.06
CA LEU A 37 -8.42 14.69 3.42
C LEU A 37 -8.41 16.17 2.96
N VAL A 38 -7.39 16.49 2.18
CA VAL A 38 -7.12 17.84 1.71
C VAL A 38 -6.64 17.67 0.28
N PRO A 39 -6.84 18.68 -0.56
CA PRO A 39 -6.29 18.65 -1.91
C PRO A 39 -4.74 18.66 -1.85
N ARG A 40 -4.13 17.71 -2.55
CA ARG A 40 -2.69 17.57 -2.49
C ARG A 40 -2.09 17.48 -3.89
N VAL A 41 -2.39 18.49 -4.71
CA VAL A 41 -1.85 18.51 -6.07
C VAL A 41 -0.34 18.77 -6.05
N VAL A 42 0.38 18.11 -6.94
CA VAL A 42 1.82 18.31 -7.10
C VAL A 42 2.12 19.82 -7.27
N GLY A 43 3.14 20.29 -6.58
CA GLY A 43 3.47 21.70 -6.54
C GLY A 43 2.82 22.50 -5.44
N SER A 44 1.83 21.93 -4.74
CA SER A 44 1.05 22.76 -3.85
C SER A 44 1.62 22.74 -2.44
N GLN A 45 1.36 23.78 -1.66
CA GLN A 45 1.85 23.84 -0.31
C GLN A 45 1.29 22.67 0.51
N LYS A 46 0.02 22.32 0.27
CA LYS A 46 -0.66 21.26 1.00
C LYS A 46 -0.06 19.88 0.70
N HIS A 47 0.38 19.67 -0.55
CA HIS A 47 1.10 18.47 -0.95
C HIS A 47 2.40 18.38 -0.17
N ARG A 48 3.09 19.50 -0.01
CA ARG A 48 4.30 19.57 0.82
C ARG A 48 4.01 19.20 2.29
N GLU A 49 2.88 19.64 2.81
CA GLU A 49 2.50 19.43 4.21
C GLU A 49 2.11 17.98 4.47
N VAL A 50 1.41 17.39 3.51
CA VAL A 50 1.11 15.98 3.53
C VAL A 50 2.39 15.13 3.47
N ARG A 51 3.28 15.44 2.54
CA ARG A 51 4.57 14.79 2.49
C ARG A 51 5.31 14.90 3.83
N GLU A 52 5.39 16.10 4.40
CA GLU A 52 6.03 16.31 5.69
C GLU A 52 5.34 15.54 6.81
N PHE A 53 4.01 15.41 6.74
CA PHE A 53 3.27 14.66 7.73
C PHE A 53 3.67 13.16 7.74
N ILE A 54 3.77 12.56 6.56
CA ILE A 54 4.13 11.15 6.37
C ILE A 54 5.52 10.96 6.90
N VAL A 55 6.43 11.80 6.46
CA VAL A 55 7.82 11.69 6.89
C VAL A 55 7.93 11.66 8.43
N ARG A 56 7.22 12.57 9.08
CA ARG A 56 7.35 12.79 10.51
C ARG A 56 6.67 11.69 11.30
N SER A 57 5.48 11.30 10.88
CA SER A 57 4.80 10.19 11.51
C SER A 57 5.74 8.99 11.64
N LEU A 58 6.41 8.64 10.54
CA LEU A 58 7.21 7.43 10.44
C LEU A 58 8.59 7.54 11.08
N LYS A 59 9.24 8.70 11.02
CA LYS A 59 10.47 8.90 11.80
C LYS A 59 10.22 8.86 13.31
N ASP A 60 9.05 9.33 13.73
CA ASP A 60 8.60 9.23 15.11
C ASP A 60 8.46 7.77 15.50
N LEU A 61 8.26 6.90 14.52
CA LEU A 61 8.17 5.45 14.80
C LEU A 61 9.52 4.76 14.70
N ASP A 62 10.58 5.54 14.48
CA ASP A 62 11.93 5.05 14.40
C ASP A 62 12.21 4.30 13.08
N TRP A 63 11.41 4.52 12.03
CA TRP A 63 11.72 3.89 10.73
C TRP A 63 12.78 4.73 10.09
N ASP A 64 13.59 4.13 9.24
CA ASP A 64 14.43 4.87 8.29
C ASP A 64 13.53 5.49 7.20
N VAL A 65 13.55 6.81 7.04
CA VAL A 65 12.72 7.44 6.03
C VAL A 65 13.55 8.18 4.99
N GLU A 66 13.36 7.83 3.73
CA GLU A 66 14.10 8.46 2.65
C GLU A 66 13.15 9.13 1.69
N GLU A 67 13.64 10.17 1.02
CA GLU A 67 12.83 10.88 0.04
C GLU A 67 13.54 10.83 -1.28
N ASP A 68 12.85 10.36 -2.30
CA ASP A 68 13.42 10.35 -3.60
C ASP A 68 12.79 11.54 -4.39
N CYS A 69 13.47 12.69 -4.32
CA CYS A 69 13.01 13.91 -4.96
C CYS A 69 13.71 14.18 -6.27
N PHE A 70 12.96 14.68 -7.24
CA PHE A 70 13.51 15.07 -8.52
C PHE A 70 12.53 16.03 -9.14
N ASP A 71 12.96 16.75 -10.17
CA ASP A 71 12.02 17.51 -11.01
C ASP A 71 11.79 16.77 -12.32
N GLY A 72 10.57 16.78 -12.81
CA GLY A 72 10.28 16.15 -14.09
C GLY A 72 9.45 17.05 -14.97
N GLN A 73 9.67 16.94 -16.28
CA GLN A 73 8.86 17.61 -17.27
C GLN A 73 7.48 16.98 -17.32
N THR A 74 6.46 17.84 -17.38
CA THR A 74 5.07 17.45 -17.44
C THR A 74 4.40 18.33 -18.48
N PRO A 75 3.17 17.98 -18.93
CA PRO A 75 2.37 18.84 -19.81
C PRO A 75 2.10 20.24 -19.25
N HIS A 76 2.20 20.39 -17.95
CA HIS A 76 2.15 21.70 -17.32
C HIS A 76 3.51 22.29 -17.00
N GLY A 77 4.54 21.89 -17.73
CA GLY A 77 5.89 22.36 -17.38
C GLY A 77 6.63 21.51 -16.37
N ILE A 78 7.73 22.07 -15.87
CA ILE A 78 8.60 21.39 -14.96
C ILE A 78 7.91 21.26 -13.58
N LYS A 79 8.00 20.08 -12.96
CA LYS A 79 7.36 19.90 -11.65
C LYS A 79 8.25 19.18 -10.64
N PRO A 80 8.15 19.58 -9.34
CA PRO A 80 8.89 18.85 -8.27
C PRO A 80 8.11 17.62 -7.83
N PHE A 81 8.75 16.44 -7.77
CA PHE A 81 8.14 15.21 -7.24
C PHE A 81 8.98 14.66 -6.11
N CYS A 82 8.36 14.10 -5.07
CA CYS A 82 9.11 13.40 -4.01
C CYS A 82 8.41 12.12 -3.59
N ASN A 83 8.97 10.97 -3.95
CA ASN A 83 8.48 9.71 -3.42
C ASN A 83 8.90 9.59 -1.96
N VAL A 84 8.08 8.98 -1.12
CA VAL A 84 8.48 8.77 0.29
C VAL A 84 8.65 7.26 0.51
N ILE A 85 9.81 6.87 1.03
CA ILE A 85 10.12 5.46 1.24
C ILE A 85 10.53 5.27 2.70
N ALA A 86 9.73 4.52 3.45
CA ALA A 86 10.04 4.23 4.85
C ALA A 86 10.33 2.74 5.00
N THR A 87 11.42 2.43 5.67
CA THR A 87 11.91 1.04 5.79
C THR A 87 12.15 0.72 7.27
N LEU A 88 11.43 -0.28 7.77
CA LEU A 88 11.54 -0.65 9.16
C LEU A 88 12.96 -1.10 9.52
N ASN A 89 13.49 -2.07 8.76
CA ASN A 89 14.89 -2.50 8.97
C ASN A 89 15.69 -2.43 7.66
N PRO A 90 16.40 -1.32 7.42
CA PRO A 90 17.12 -1.06 6.19
C PRO A 90 18.08 -2.16 5.74
N SER A 91 18.74 -2.81 6.69
CA SER A 91 19.72 -3.81 6.36
C SER A 91 19.10 -5.16 6.01
N ALA A 92 17.85 -5.39 6.40
CA ALA A 92 17.18 -6.63 6.02
C ALA A 92 17.19 -6.82 4.50
N CYS A 93 17.53 -8.02 4.05
CA CYS A 93 17.67 -8.28 2.63
C CYS A 93 16.35 -8.13 1.85
N HIS A 94 15.28 -8.74 2.37
CA HIS A 94 14.00 -8.77 1.68
C HIS A 94 13.01 -7.85 2.32
N ARG A 95 12.18 -7.21 1.49
CA ARG A 95 11.15 -6.30 1.96
C ARG A 95 9.77 -6.74 1.50
N LEU A 96 8.82 -6.79 2.44
CA LEU A 96 7.41 -6.80 2.08
C LEU A 96 7.09 -5.31 1.84
N VAL A 97 6.75 -4.95 0.61
CA VAL A 97 6.47 -3.55 0.26
C VAL A 97 4.97 -3.30 0.14
N LEU A 98 4.47 -2.36 0.95
CA LEU A 98 3.09 -1.86 0.83
C LEU A 98 3.16 -0.47 0.26
N ALA A 99 2.26 -0.15 -0.67
CA ALA A 99 2.40 1.09 -1.45
C ALA A 99 1.04 1.77 -1.77
N CYS A 100 1.13 3.06 -2.09
CA CYS A 100 -0.01 3.83 -2.58
C CYS A 100 0.59 5.13 -3.08
N HIS A 101 -0.26 6.04 -3.57
CA HIS A 101 0.22 7.37 -4.03
C HIS A 101 -0.40 8.45 -3.18
N TYR A 102 0.36 9.50 -2.88
CA TYR A 102 -0.17 10.51 -1.97
C TYR A 102 -0.58 11.85 -2.64
N ASP A 103 -0.23 12.02 -3.93
CA ASP A 103 -0.74 13.18 -4.70
C ASP A 103 -2.20 12.97 -5.04
N SER A 104 -2.90 14.06 -5.34
CA SER A 104 -4.31 13.98 -5.81
C SER A 104 -4.39 14.63 -7.17
N LEU A 105 -5.38 14.16 -7.93
CA LEU A 105 -5.65 14.61 -9.28
C LEU A 105 -5.93 16.11 -9.30
N LEU A 106 -5.34 16.79 -10.28
CA LEU A 106 -5.62 18.17 -10.54
C LEU A 106 -6.84 18.17 -11.48
N HIS A 107 -8.00 18.41 -10.87
CA HIS A 107 -9.27 18.26 -11.56
C HIS A 107 -9.63 19.61 -12.10
N LYS A 108 -9.91 19.74 -13.39
CA LYS A 108 -10.27 21.06 -13.94
C LYS A 108 -11.65 21.64 -13.56
N GLU A 109 -12.55 20.75 -13.10
CA GLU A 109 -13.87 21.21 -12.66
C GLU A 109 -13.88 21.77 -11.28
N GLY A 110 -12.82 21.60 -10.50
CA GLY A 110 -12.83 22.11 -9.13
C GLY A 110 -11.99 21.32 -8.16
N THR A 111 -12.08 21.67 -6.88
CA THR A 111 -11.30 21.08 -5.79
C THR A 111 -11.60 19.59 -5.60
N PHE A 112 -10.58 18.75 -5.72
CA PHE A 112 -10.77 17.33 -5.70
C PHE A 112 -10.02 16.77 -4.48
N ILE A 113 -10.75 16.13 -3.58
CA ILE A 113 -10.13 15.57 -2.37
C ILE A 113 -9.43 14.21 -2.61
N GLY A 114 -9.97 13.40 -3.54
CA GLY A 114 -9.55 12.02 -3.76
C GLY A 114 -9.50 11.28 -2.44
N ALA A 115 -10.65 11.15 -1.77
CA ALA A 115 -10.73 10.48 -0.47
C ALA A 115 -10.33 9.01 -0.57
N THR A 116 -10.86 8.29 -1.58
CA THR A 116 -10.45 6.89 -1.90
C THR A 116 -9.16 6.80 -2.69
N ASP A 117 -8.77 7.93 -3.28
CA ASP A 117 -7.77 7.96 -4.36
C ASP A 117 -6.64 9.01 -4.13
N SER A 118 -5.74 8.83 -3.16
CA SER A 118 -5.74 7.67 -2.29
C SER A 118 -5.55 8.08 -0.83
N ALA A 119 -6.40 8.99 -0.33
CA ALA A 119 -6.21 9.45 1.04
C ALA A 119 -6.35 8.27 1.99
N VAL A 120 -7.33 7.42 1.72
CA VAL A 120 -7.59 6.27 2.63
C VAL A 120 -6.40 5.27 2.69
N PRO A 121 -5.93 4.79 1.51
CA PRO A 121 -4.73 3.94 1.45
C PRO A 121 -3.53 4.56 2.18
N CYS A 122 -3.32 5.88 2.00
CA CYS A 122 -2.26 6.56 2.69
C CYS A 122 -2.41 6.41 4.20
N ALA A 123 -3.60 6.73 4.71
CA ALA A 123 -3.93 6.56 6.13
C ALA A 123 -3.77 5.13 6.61
N GLN A 124 -4.28 4.16 5.85
CA GLN A 124 -4.15 2.75 6.21
C GLN A 124 -2.72 2.29 6.36
N LEU A 125 -1.82 2.80 5.51
CA LEU A 125 -0.38 2.48 5.62
C LEU A 125 0.24 3.02 6.89
N LEU A 126 -0.03 4.28 7.20
CA LEU A 126 0.42 4.89 8.45
C LEU A 126 -0.24 4.21 9.67
N TYR A 127 -1.52 3.89 9.53
CA TYR A 127 -2.22 3.26 10.63
C TYR A 127 -1.67 1.86 10.92
N LEU A 128 -1.27 1.12 9.89
CA LEU A 128 -0.58 -0.15 10.05
C LEU A 128 0.73 0.02 10.80
N ALA A 129 1.55 0.96 10.39
CA ALA A 129 2.81 1.20 11.07
C ALA A 129 2.57 1.51 12.56
N ARG A 130 1.60 2.38 12.86
CA ARG A 130 1.40 2.82 14.24
C ARG A 130 0.80 1.73 15.09
N SER A 131 -0.24 1.11 14.59
CA SER A 131 -0.94 0.11 15.40
C SER A 131 -0.13 -1.18 15.65
N LEU A 132 0.81 -1.49 14.74
CA LEU A 132 1.66 -2.71 14.81
C LEU A 132 3.06 -2.43 15.30
N ASN A 133 3.29 -1.20 15.72
CA ASN A 133 4.62 -0.73 16.02
C ASN A 133 5.39 -1.60 17.01
N GLY A 134 4.80 -1.88 18.17
CA GLY A 134 5.42 -2.77 19.17
C GLY A 134 5.86 -4.11 18.57
N LYS A 135 4.94 -4.76 17.86
CA LYS A 135 5.21 -6.01 17.16
C LYS A 135 6.25 -5.89 16.07
N LEU A 136 6.17 -4.81 15.31
CA LEU A 136 7.14 -4.55 14.25
C LEU A 136 8.53 -4.32 14.82
N GLN A 137 8.60 -3.57 15.91
CA GLN A 137 9.92 -3.29 16.54
C GLN A 137 10.55 -4.57 17.11
N ASN A 138 9.73 -5.44 17.68
CA ASN A 138 10.18 -6.76 18.06
C ASN A 138 10.62 -7.63 16.88
N GLN A 139 9.83 -7.67 15.81
CA GLN A 139 10.21 -8.45 14.60
C GLN A 139 11.54 -8.02 14.00
N LYS A 140 11.85 -6.74 14.13
CA LYS A 140 13.03 -6.12 13.52
C LYS A 140 14.33 -6.63 14.15
N THR A 141 14.25 -7.18 15.37
CA THR A 141 15.46 -7.63 16.11
C THR A 141 15.78 -9.08 15.80
N ARG A 142 14.88 -9.78 15.10
CA ARG A 142 15.10 -11.19 14.83
C ARG A 142 16.30 -11.59 13.96
N GLY A 143 16.78 -10.67 13.12
CA GLY A 143 17.82 -10.99 12.16
C GLY A 143 17.37 -11.97 11.09
N ASP A 144 16.08 -12.01 10.78
CA ASP A 144 15.52 -13.00 9.86
C ASP A 144 15.54 -12.63 8.36
N GLY A 145 16.04 -11.44 8.01
CA GLY A 145 16.30 -11.08 6.62
C GLY A 145 15.08 -10.51 5.92
N LEU A 146 14.03 -10.27 6.66
CA LEU A 146 12.76 -9.80 6.11
C LEU A 146 12.31 -8.57 6.89
N THR A 147 11.83 -7.54 6.18
CA THR A 147 11.29 -6.38 6.86
C THR A 147 10.06 -5.83 6.13
N LEU A 148 9.46 -4.79 6.71
CA LEU A 148 8.37 -4.05 6.11
C LEU A 148 8.90 -2.74 5.51
N GLN A 149 8.43 -2.43 4.30
CA GLN A 149 8.71 -1.15 3.73
C GLN A 149 7.42 -0.51 3.19
N LEU A 150 7.29 0.79 3.43
CA LEU A 150 6.15 1.59 2.95
C LEU A 150 6.65 2.58 1.93
N VAL A 151 5.99 2.58 0.75
CA VAL A 151 6.30 3.52 -0.30
C VAL A 151 5.08 4.36 -0.63
N PHE A 152 5.25 5.67 -0.46
CA PHE A 152 4.19 6.63 -0.86
C PHE A 152 4.68 7.36 -2.12
N PHE A 153 4.15 6.94 -3.26
CA PHE A 153 4.55 7.44 -4.56
C PHE A 153 3.97 8.84 -4.80
N ASP A 154 4.78 9.69 -5.43
CA ASP A 154 4.33 10.97 -5.89
C ASP A 154 3.97 10.88 -7.37
N GLY A 155 3.19 11.87 -7.81
CA GLY A 155 2.91 12.05 -9.22
C GLY A 155 2.39 10.83 -9.94
N GLU A 156 1.61 10.00 -9.27
CA GLU A 156 0.88 8.93 -9.97
C GLU A 156 -0.10 9.47 -11.07
N GLU A 157 -0.81 10.56 -10.77
CA GLU A 157 -1.89 11.07 -11.66
C GLU A 157 -1.33 11.86 -12.90
N ALA A 158 -2.05 11.81 -14.03
CA ALA A 158 -1.66 12.65 -15.18
C ALA A 158 -2.02 14.11 -14.88
N PHE A 159 -1.30 15.05 -15.48
CA PHE A 159 -1.70 16.48 -15.44
C PHE A 159 -2.80 16.75 -16.50
N GLU A 160 -2.74 16.02 -17.62
CA GLU A 160 -3.69 16.15 -18.74
C GLU A 160 -4.19 14.75 -19.10
N ARG A 161 -4.31 14.41 -20.38
CA ARG A 161 -4.82 13.07 -20.74
C ARG A 161 -3.77 11.99 -20.48
N TRP A 162 -4.17 10.96 -19.74
CA TRP A 162 -3.25 9.97 -19.29
C TRP A 162 -2.48 9.45 -20.45
N SER A 163 -1.17 9.36 -20.28
CA SER A 163 -0.32 8.78 -21.31
C SER A 163 0.87 8.14 -20.65
N SER A 164 1.64 7.37 -21.40
CA SER A 164 2.86 6.78 -20.88
C SER A 164 3.82 7.85 -20.35
N HIS A 165 3.81 9.03 -20.99
CA HIS A 165 4.70 10.10 -20.51
C HIS A 165 4.04 11.02 -19.50
N ASP A 166 2.72 10.97 -19.38
CA ASP A 166 2.01 11.82 -18.45
C ASP A 166 1.21 10.97 -17.45
N SER A 167 1.97 10.38 -16.52
CA SER A 167 1.44 9.52 -15.46
C SER A 167 2.60 8.82 -14.76
N LEU A 168 2.36 8.32 -13.55
CA LEU A 168 3.28 7.46 -12.86
C LEU A 168 4.67 8.05 -12.77
N TYR A 169 4.74 9.36 -12.60
CA TYR A 169 6.05 10.01 -12.50
C TYR A 169 6.93 9.46 -11.38
N GLY A 170 6.38 9.35 -10.19
CA GLY A 170 7.18 8.89 -9.03
C GLY A 170 7.60 7.45 -9.14
N SER A 171 6.65 6.57 -9.50
CA SER A 171 6.98 5.14 -9.66
C SER A 171 7.89 4.81 -10.83
N ARG A 172 7.72 5.45 -11.98
CA ARG A 172 8.70 5.27 -13.06
C ARG A 172 10.11 5.68 -12.60
N HIS A 173 10.21 6.84 -11.96
CA HIS A 173 11.49 7.30 -11.48
C HIS A 173 12.09 6.38 -10.45
N LEU A 174 11.32 6.02 -9.41
CA LEU A 174 11.83 5.08 -8.38
C LEU A 174 12.24 3.71 -8.93
N ALA A 175 11.41 3.09 -9.76
CA ALA A 175 11.77 1.78 -10.32
C ALA A 175 13.12 1.81 -11.06
N GLN A 176 13.35 2.87 -11.83
CA GLN A 176 14.60 3.11 -12.53
C GLN A 176 15.77 3.29 -11.60
N LYS A 177 15.65 4.21 -10.65
CA LYS A 177 16.67 4.47 -9.67
C LYS A 177 17.07 3.17 -8.92
N TRP A 178 16.09 2.42 -8.43
CA TRP A 178 16.42 1.19 -7.71
C TRP A 178 17.00 0.12 -8.57
N HIS A 179 16.54 0.03 -9.80
CA HIS A 179 17.07 -0.96 -10.75
C HIS A 179 18.53 -0.72 -11.08
N GLU A 180 18.94 0.53 -11.15
CA GLU A 180 20.31 0.83 -11.49
C GLU A 180 21.18 0.86 -10.28
N ASP A 181 20.57 0.75 -9.11
CA ASP A 181 21.34 0.71 -7.88
C ASP A 181 21.77 -0.75 -7.60
N ARG A 182 23.03 -1.03 -7.92
CA ARG A 182 23.57 -2.38 -7.86
C ARG A 182 23.83 -2.75 -6.41
N THR A 183 23.45 -3.96 -6.03
CA THR A 183 23.88 -4.55 -4.76
C THR A 183 24.00 -6.06 -4.92
N SER A 184 24.38 -6.77 -3.86
CA SER A 184 24.47 -8.22 -3.94
C SER A 184 24.13 -8.87 -2.61
N ALA A 185 23.84 -10.16 -2.63
CA ALA A 185 23.47 -10.83 -1.39
C ALA A 185 24.51 -10.71 -0.27
N GLU A 186 25.81 -10.61 -0.59
CA GLU A 186 26.86 -10.54 0.46
C GLU A 186 26.86 -9.24 1.21
N ARG A 187 26.30 -8.22 0.56
CA ARG A 187 26.19 -6.91 1.14
C ARG A 187 25.02 -6.79 2.11
N LEU A 188 24.15 -7.81 2.12
CA LEU A 188 22.85 -7.70 2.82
C LEU A 188 22.63 -8.74 3.92
N GLU A 189 21.68 -8.45 4.81
CA GLU A 189 21.43 -9.26 5.98
C GLU A 189 20.43 -10.38 5.70
N SER A 190 20.91 -11.61 5.74
CA SER A 190 20.08 -12.82 5.75
C SER A 190 19.14 -13.00 4.55
N CYS A 191 19.66 -12.78 3.34
CA CYS A 191 18.93 -13.14 2.11
C CYS A 191 18.56 -14.60 2.11
N LEU A 192 17.40 -14.96 1.57
CA LEU A 192 17.08 -16.36 1.42
C LEU A 192 18.18 -17.07 0.59
N GLU A 193 18.23 -18.38 0.76
CA GLU A 193 19.20 -19.27 0.14
C GLU A 193 19.29 -19.12 -1.40
N ARG A 194 18.16 -19.22 -2.08
CA ARG A 194 18.18 -19.31 -3.55
C ARG A 194 17.95 -17.94 -4.25
N SER A 195 18.52 -16.89 -3.66
CA SER A 195 18.22 -15.52 -4.06
C SER A 195 19.16 -14.97 -5.14
N GLU A 196 18.56 -14.27 -6.09
CA GLU A 196 19.32 -13.57 -7.10
C GLU A 196 19.08 -12.08 -6.87
N ILE A 197 20.02 -11.45 -6.16
CA ILE A 197 20.00 -10.01 -5.93
C ILE A 197 21.15 -9.37 -6.69
N ALA A 198 20.81 -8.49 -7.62
CA ALA A 198 21.77 -7.78 -8.41
C ALA A 198 21.60 -6.27 -8.22
N ASN A 199 20.45 -5.87 -7.67
CA ASN A 199 20.12 -4.44 -7.49
C ASN A 199 18.99 -4.29 -6.45
N GLN A 200 18.58 -3.06 -6.14
CA GLN A 200 17.63 -2.83 -5.04
C GLN A 200 16.27 -3.37 -5.37
N ILE A 201 15.92 -3.31 -6.65
CA ILE A 201 14.60 -3.74 -7.09
C ILE A 201 14.38 -5.24 -6.78
N ASP A 202 15.46 -6.04 -6.74
CA ASP A 202 15.36 -7.46 -6.42
C ASP A 202 15.03 -7.75 -4.93
N ARG A 203 15.21 -6.76 -4.07
CA ARG A 203 14.88 -6.89 -2.64
C ARG A 203 13.40 -6.70 -2.33
N MET A 204 12.63 -6.20 -3.31
CA MET A 204 11.17 -6.09 -3.14
C MET A 204 10.61 -7.48 -3.28
N GLU A 205 10.33 -8.13 -2.15
CA GLU A 205 9.84 -9.51 -2.19
C GLU A 205 8.52 -9.60 -2.89
N VAL A 206 7.62 -8.69 -2.53
CA VAL A 206 6.33 -8.56 -3.21
C VAL A 206 5.91 -7.10 -2.96
N MET A 207 5.32 -6.45 -3.97
CA MET A 207 4.70 -5.15 -3.75
C MET A 207 3.19 -5.25 -3.70
N VAL A 208 2.65 -4.86 -2.56
CA VAL A 208 1.20 -4.83 -2.34
C VAL A 208 0.70 -3.38 -2.52
N LEU A 209 0.04 -3.15 -3.67
CA LEU A 209 -0.39 -1.80 -4.07
C LEU A 209 -1.86 -1.52 -3.74
N LEU A 210 -2.09 -0.57 -2.85
CA LEU A 210 -3.44 -0.22 -2.42
C LEU A 210 -3.84 1.00 -3.19
N ASP A 211 -5.02 0.95 -3.81
CA ASP A 211 -5.54 2.09 -4.54
C ASP A 211 -7.06 2.08 -4.55
N LEU A 212 -7.65 3.26 -4.41
CA LEU A 212 -9.10 3.43 -4.58
C LEU A 212 -9.90 2.66 -3.57
N LEU A 213 -9.48 2.75 -2.32
CA LEU A 213 -10.14 2.02 -1.23
C LEU A 213 -10.87 3.04 -0.39
N GLY A 214 -12.00 2.61 0.14
CA GLY A 214 -12.83 3.45 1.04
C GLY A 214 -14.30 3.51 0.69
N ALA A 215 -14.66 3.05 -0.49
CA ALA A 215 -16.07 2.93 -0.86
C ALA A 215 -16.62 1.58 -0.43
N GLU A 216 -17.94 1.51 -0.35
CA GLU A 216 -18.61 0.33 0.13
C GLU A 216 -18.35 -0.83 -0.80
N ASN A 217 -18.26 -2.06 -0.26
CA ASN A 217 -18.22 -3.28 -1.10
C ASN A 217 -17.25 -3.36 -2.30
N PRO A 218 -15.96 -3.12 -2.07
CA PRO A 218 -15.00 -3.28 -3.14
C PRO A 218 -14.97 -4.76 -3.61
N ARG A 219 -14.68 -5.00 -4.88
CA ARG A 219 -14.53 -6.36 -5.35
C ARG A 219 -13.12 -6.47 -5.91
N PHE A 220 -12.30 -7.31 -5.28
CA PHE A 220 -10.92 -7.50 -5.67
C PHE A 220 -10.81 -8.85 -6.36
N TYR A 221 -9.81 -8.98 -7.23
CA TYR A 221 -9.48 -10.23 -7.91
C TYR A 221 -7.96 -10.38 -7.95
N SER A 222 -7.49 -11.60 -8.16
CA SER A 222 -6.04 -11.85 -8.37
C SER A 222 -5.64 -11.39 -9.75
N TYR A 223 -4.90 -10.30 -9.88
CA TYR A 223 -4.51 -9.82 -11.19
C TYR A 223 -3.22 -10.46 -11.73
N PHE A 224 -2.52 -11.25 -10.92
CA PHE A 224 -1.22 -11.76 -11.30
C PHE A 224 -1.03 -13.19 -10.81
N GLY A 225 -0.79 -14.08 -11.77
CA GLY A 225 -0.51 -15.48 -11.45
C GLY A 225 0.64 -15.66 -10.50
N GLU A 226 1.70 -14.86 -10.68
CA GLU A 226 2.94 -14.88 -9.85
C GLU A 226 2.63 -14.77 -8.36
N THR A 227 1.66 -13.92 -8.02
CA THR A 227 1.38 -13.67 -6.61
C THR A 227 0.13 -14.38 -6.10
N GLN A 228 -0.39 -15.33 -6.86
CA GLN A 228 -1.59 -16.05 -6.44
C GLN A 228 -1.44 -16.71 -5.04
N PRO A 229 -0.25 -17.18 -4.66
CA PRO A 229 -0.18 -17.73 -3.30
C PRO A 229 -0.34 -16.66 -2.20
N VAL A 230 0.11 -15.44 -2.48
CA VAL A 230 0.00 -14.33 -1.53
C VAL A 230 -1.47 -13.88 -1.52
N TYR A 231 -2.06 -13.71 -2.71
CA TYR A 231 -3.46 -13.26 -2.82
C TYR A 231 -4.39 -14.15 -2.01
N ARG A 232 -4.15 -15.45 -2.09
CA ARG A 232 -4.95 -16.42 -1.37
C ARG A 232 -4.90 -16.29 0.14
N ARG A 233 -3.81 -15.74 0.66
CA ARG A 233 -3.73 -15.49 2.09
C ARG A 233 -4.74 -14.41 2.48
N LEU A 234 -4.86 -13.38 1.64
CA LEU A 234 -5.91 -12.36 1.77
C LEU A 234 -7.33 -12.95 1.72
N VAL A 235 -7.62 -13.79 0.72
CA VAL A 235 -8.89 -14.55 0.71
C VAL A 235 -9.11 -15.33 2.02
N ASN A 236 -8.11 -16.08 2.45
CA ASN A 236 -8.22 -16.92 3.63
C ASN A 236 -8.42 -16.09 4.88
N ILE A 237 -7.63 -15.02 5.03
CA ILE A 237 -7.71 -14.13 6.17
C ILE A 237 -9.12 -13.51 6.27
N GLU A 238 -9.61 -12.98 5.15
CA GLU A 238 -10.96 -12.44 5.11
C GLU A 238 -11.98 -13.48 5.58
N SER A 239 -11.79 -14.72 5.13
CA SER A 239 -12.70 -15.80 5.43
C SER A 239 -12.74 -16.12 6.93
N ARG A 240 -11.57 -16.21 7.55
CA ARG A 240 -11.45 -16.49 8.99
C ARG A 240 -11.99 -15.35 9.88
N LEU A 241 -11.74 -14.10 9.46
CA LEU A 241 -12.36 -12.96 10.14
C LEU A 241 -13.90 -12.97 10.14
N ASN A 242 -14.50 -13.39 9.04
CA ASN A 242 -15.94 -13.54 8.98
C ASN A 242 -16.40 -14.70 9.87
N ASP A 243 -15.73 -15.86 9.78
CA ASP A 243 -15.97 -17.01 10.69
C ASP A 243 -15.93 -16.58 12.16
N ALA A 244 -14.99 -15.71 12.47
CA ALA A 244 -14.84 -15.19 13.83
C ALA A 244 -15.91 -14.17 14.25
N GLY A 245 -16.68 -13.66 13.31
CA GLY A 245 -17.71 -12.65 13.64
C GLY A 245 -17.06 -11.32 13.89
N LEU A 246 -15.96 -11.05 13.20
CA LEU A 246 -15.14 -9.84 13.46
C LEU A 246 -15.31 -8.76 12.37
N MET A 247 -16.14 -9.06 11.37
CA MET A 247 -16.45 -8.15 10.26
C MET A 247 -17.75 -7.40 10.52
N GLU A 248 -17.71 -6.08 10.34
CA GLU A 248 -18.88 -5.20 10.45
C GLU A 248 -19.78 -5.30 9.23
N LEU A 249 -21.01 -5.78 9.41
CA LEU A 249 -21.94 -5.89 8.29
C LEU A 249 -23.29 -5.20 8.61
N PRO A 250 -24.12 -4.96 7.56
CA PRO A 250 -25.47 -4.37 7.65
C PRO A 250 -26.37 -5.17 8.58
N ARG A 251 -26.36 -6.49 8.41
CA ARG A 251 -27.17 -7.39 9.22
C ARG A 251 -26.33 -8.55 9.74
N ARG A 252 -26.85 -9.24 10.76
CA ARG A 252 -26.29 -10.49 11.25
C ARG A 252 -26.33 -11.51 10.12
N ARG A 253 -25.39 -12.46 10.17
CA ARG A 253 -25.28 -13.54 9.20
C ARG A 253 -24.98 -13.16 7.74
N ARG A 254 -24.42 -12.00 7.54
CA ARG A 254 -23.81 -11.70 6.24
C ARG A 254 -22.29 -11.89 6.36
N ARG A 255 -21.61 -12.07 5.24
CA ARG A 255 -20.16 -12.16 5.21
C ARG A 255 -19.64 -11.17 4.19
N THR A 256 -18.47 -10.59 4.44
CA THR A 256 -17.83 -9.79 3.38
C THR A 256 -17.25 -10.77 2.36
N ASN A 257 -17.19 -10.38 1.11
CA ASN A 257 -16.52 -11.18 0.11
C ASN A 257 -15.73 -10.25 -0.81
N TYR A 258 -14.89 -9.40 -0.24
CA TYR A 258 -14.11 -8.45 -1.03
C TYR A 258 -13.11 -9.13 -1.94
N PHE A 259 -12.41 -10.13 -1.41
CA PHE A 259 -11.40 -10.83 -2.19
C PHE A 259 -12.02 -12.03 -2.82
N SER A 260 -12.33 -11.86 -4.09
CA SER A 260 -12.89 -12.92 -4.88
C SER A 260 -11.85 -13.98 -5.12
N ASN A 261 -12.34 -15.19 -5.01
CA ASN A 261 -11.55 -16.35 -5.21
C ASN A 261 -11.43 -16.74 -6.66
N SER A 262 -11.34 -15.76 -7.51
CA SER A 262 -11.17 -16.02 -8.91
C SER A 262 -10.26 -14.92 -9.45
N SER A 263 -9.99 -15.02 -10.74
CA SER A 263 -9.16 -14.02 -11.35
C SER A 263 -9.90 -13.43 -12.54
N THR A 264 -9.56 -12.19 -12.85
CA THR A 264 -10.19 -11.45 -13.93
C THR A 264 -9.13 -11.23 -14.98
N VAL A 265 -9.56 -11.03 -16.20
CA VAL A 265 -8.68 -10.55 -17.23
C VAL A 265 -8.99 -9.07 -17.25
N GLY A 266 -8.15 -8.30 -16.62
CA GLY A 266 -8.31 -6.88 -16.61
C GLY A 266 -6.91 -6.33 -16.44
N PHE A 267 -6.71 -5.19 -17.05
CA PHE A 267 -5.44 -4.54 -17.09
C PHE A 267 -5.69 -3.16 -16.50
N ILE A 268 -5.03 -2.84 -15.39
CA ILE A 268 -5.16 -1.49 -14.82
C ILE A 268 -3.78 -0.86 -14.80
N GLU A 269 -3.67 0.33 -15.35
CA GLU A 269 -2.44 1.06 -15.20
C GLU A 269 -2.30 1.74 -13.84
N ASP A 270 -1.23 1.46 -13.13
CA ASP A 270 -1.08 2.07 -11.82
C ASP A 270 0.41 2.07 -11.50
N ASP A 271 0.77 2.58 -10.33
CA ASP A 271 2.16 2.62 -9.84
C ASP A 271 2.97 1.30 -9.81
N HIS A 272 2.29 0.16 -9.94
CA HIS A 272 2.94 -1.15 -10.04
C HIS A 272 3.63 -1.43 -11.34
N ILE A 273 3.21 -0.73 -12.39
CA ILE A 273 3.60 -1.03 -13.76
C ILE A 273 5.11 -1.01 -13.97
N PRO A 274 5.80 0.07 -13.54
CA PRO A 274 7.25 0.11 -13.74
C PRO A 274 8.02 -0.98 -12.94
N PHE A 275 7.43 -1.47 -11.86
CA PHE A 275 8.01 -2.58 -11.07
C PHE A 275 7.75 -3.95 -11.69
N LEU A 276 6.55 -4.11 -12.23
CA LEU A 276 6.14 -5.31 -12.97
C LEU A 276 7.05 -5.59 -14.17
N LYS A 277 7.42 -4.50 -14.85
CA LYS A 277 8.30 -4.60 -16.03
C LYS A 277 9.68 -5.13 -15.62
N ARG A 278 9.98 -5.01 -14.33
CA ARG A 278 11.27 -5.37 -13.78
C ARG A 278 11.15 -6.61 -12.88
N SER A 279 10.04 -7.32 -13.05
CA SER A 279 9.81 -8.61 -12.44
C SER A 279 9.50 -8.60 -10.92
N VAL A 280 9.05 -7.47 -10.39
CA VAL A 280 8.60 -7.45 -9.01
C VAL A 280 7.24 -8.11 -8.94
N PRO A 281 7.08 -9.12 -8.06
CA PRO A 281 5.72 -9.63 -7.86
C PRO A 281 4.78 -8.54 -7.32
N ILE A 282 3.59 -8.42 -7.93
CA ILE A 282 2.58 -7.42 -7.59
C ILE A 282 1.32 -8.07 -7.04
N VAL A 283 0.81 -7.57 -5.91
CA VAL A 283 -0.59 -7.80 -5.51
C VAL A 283 -1.27 -6.44 -5.63
N HIS A 284 -2.27 -6.34 -6.50
CA HIS A 284 -2.89 -5.05 -6.80
C HIS A 284 -4.19 -4.97 -6.10
N ILE A 285 -4.20 -4.31 -4.96
CA ILE A 285 -5.44 -4.25 -4.16
C ILE A 285 -6.22 -2.98 -4.57
N ILE A 286 -6.98 -3.15 -5.64
CA ILE A 286 -7.74 -2.08 -6.28
C ILE A 286 -9.04 -2.74 -6.68
N PRO A 287 -10.19 -2.07 -6.46
CA PRO A 287 -11.48 -2.70 -6.72
C PRO A 287 -11.79 -2.66 -8.21
N SER A 288 -12.58 -3.62 -8.68
CA SER A 288 -13.06 -3.61 -10.04
C SER A 288 -14.52 -4.05 -9.97
N PRO A 289 -15.46 -3.15 -10.33
CA PRO A 289 -15.21 -1.81 -10.85
C PRO A 289 -14.64 -0.81 -9.84
N PHE A 290 -14.10 0.28 -10.37
CA PHE A 290 -13.66 1.42 -9.60
C PHE A 290 -14.85 1.97 -8.83
N PRO A 291 -14.63 2.67 -7.70
CA PRO A 291 -15.75 3.35 -7.03
C PRO A 291 -16.50 4.29 -8.00
N ASP A 292 -17.79 4.45 -7.76
CA ASP A 292 -18.60 5.31 -8.60
C ASP A 292 -18.13 6.73 -8.60
N VAL A 293 -17.54 7.15 -7.48
CA VAL A 293 -17.05 8.53 -7.33
C VAL A 293 -15.73 8.77 -8.07
N TRP A 294 -15.15 7.72 -8.66
CA TRP A 294 -13.84 7.79 -9.28
C TRP A 294 -13.63 9.01 -10.18
N HIS A 295 -12.63 9.82 -9.83
CA HIS A 295 -12.27 11.03 -10.57
C HIS A 295 -13.38 12.04 -10.71
N THR A 296 -14.34 11.97 -9.81
CA THR A 296 -15.37 13.02 -9.73
C THR A 296 -15.17 13.83 -8.45
N LEU A 297 -15.81 14.98 -8.39
CA LEU A 297 -15.71 15.85 -7.20
C LEU A 297 -16.42 15.23 -6.00
N ASP A 298 -17.18 14.16 -6.23
CA ASP A 298 -17.82 13.44 -5.12
C ASP A 298 -16.92 12.44 -4.42
N ASP A 299 -15.64 12.35 -4.84
CA ASP A 299 -14.66 11.55 -4.12
C ASP A 299 -14.12 12.27 -2.88
N ASN A 300 -14.97 12.29 -1.85
CA ASN A 300 -14.80 13.13 -0.68
C ASN A 300 -15.06 12.34 0.60
N GLU A 301 -14.86 12.97 1.73
CA GLU A 301 -14.97 12.29 3.01
C GLU A 301 -16.34 11.62 3.26
N GLN A 302 -17.45 12.27 2.84
CA GLN A 302 -18.78 11.75 3.24
C GLN A 302 -19.15 10.49 2.46
N ASN A 303 -18.47 10.28 1.34
CA ASN A 303 -18.79 9.17 0.48
C ASN A 303 -18.01 7.92 0.84
N LEU A 304 -17.12 8.06 1.83
CA LEU A 304 -16.39 6.92 2.38
C LEU A 304 -17.36 6.05 3.19
N HIS A 305 -17.07 4.75 3.22
CA HIS A 305 -17.88 3.80 3.97
C HIS A 305 -17.05 3.24 5.09
N HIS A 306 -17.28 3.74 6.32
CA HIS A 306 -16.35 3.45 7.42
C HIS A 306 -16.31 2.02 7.88
N PRO A 307 -17.45 1.31 7.90
CA PRO A 307 -17.38 -0.11 8.22
C PRO A 307 -16.52 -0.91 7.22
N THR A 308 -16.56 -0.57 5.94
CA THR A 308 -15.68 -1.27 4.95
C THR A 308 -14.21 -0.97 5.23
N ILE A 309 -13.90 0.28 5.50
CA ILE A 309 -12.57 0.70 5.88
C ILE A 309 -12.11 -0.09 7.11
N SER A 310 -12.91 -0.19 8.17
CA SER A 310 -12.52 -1.00 9.35
C SER A 310 -12.25 -2.46 9.02
N ASN A 311 -13.13 -3.04 8.22
CA ASN A 311 -12.97 -4.38 7.76
C ASN A 311 -11.68 -4.59 6.98
N LEU A 312 -11.32 -3.64 6.10
CA LEU A 312 -10.09 -3.72 5.31
C LEU A 312 -8.84 -3.64 6.22
N ASN A 313 -8.88 -2.71 7.18
CA ASN A 313 -7.81 -2.50 8.15
C ASN A 313 -7.53 -3.80 8.93
N LYS A 314 -8.59 -4.55 9.26
CA LYS A 314 -8.46 -5.84 9.93
C LYS A 314 -7.76 -6.85 9.05
N ILE A 315 -8.22 -6.94 7.80
CA ILE A 315 -7.59 -7.84 6.82
C ILE A 315 -6.12 -7.48 6.65
N PHE A 316 -5.81 -6.20 6.46
CA PHE A 316 -4.39 -5.77 6.25
C PHE A 316 -3.49 -6.01 7.45
N LYS A 317 -4.02 -5.76 8.65
CA LYS A 317 -3.25 -6.02 9.87
C LYS A 317 -3.00 -7.51 10.02
N ALA A 318 -4.03 -8.30 9.83
CA ALA A 318 -3.89 -9.76 9.89
C ALA A 318 -2.93 -10.23 8.83
N PHE A 319 -3.02 -9.67 7.64
CA PHE A 319 -2.13 -10.08 6.57
C PHE A 319 -0.64 -9.78 6.84
N VAL A 320 -0.35 -8.55 7.24
CA VAL A 320 1.02 -8.18 7.58
C VAL A 320 1.53 -9.01 8.78
N SER A 321 0.69 -9.23 9.77
CA SER A 321 1.05 -10.09 10.91
C SER A 321 1.40 -11.51 10.47
N GLU A 322 0.64 -12.07 9.54
CA GLU A 322 0.93 -13.38 9.01
C GLU A 322 2.22 -13.38 8.17
N TYR A 323 2.38 -12.43 7.25
CA TYR A 323 3.58 -12.38 6.41
C TYR A 323 4.86 -12.26 7.22
N LEU A 324 4.89 -11.35 8.20
CA LEU A 324 6.10 -11.11 9.01
C LEU A 324 6.12 -11.97 10.29
N GLN A 325 5.07 -12.76 10.49
CA GLN A 325 4.90 -13.60 11.68
C GLN A 325 5.08 -12.77 12.92
N LEU A 326 4.24 -11.74 13.09
CA LEU A 326 4.36 -10.80 14.21
C LEU A 326 3.94 -11.39 15.54
CAA PBD B . -14.04 4.12 -14.40
CAB PBD B . -11.83 -0.93 -14.02
SAC PBD B . -5.96 1.53 -16.79
CAD PBD B . -5.89 5.78 -9.43
CAE PBD B . -10.37 3.28 -16.34
CAF PBD B . -11.63 3.56 -15.79
CAG PBD B . -5.12 5.14 -10.31
CAH PBD B . -6.94 5.66 -11.30
CAI PBD B . -10.50 1.03 -15.42
CAJ PBD B . -6.31 3.59 -13.37
CAK PBD B . -6.42 3.99 -14.82
CAL PBD B . -5.27 4.45 -12.69
NAM PBD B . -7.00 6.11 -10.06
NAN PBD B . -7.57 3.26 -15.37
NAO PBD B . -8.63 1.62 -16.64
OAP PBD B . -13.55 2.77 -14.47
OAQ PBD B . -12.44 0.38 -14.15
CAR PBD B . -7.47 2.17 -16.19
CAS PBD B . -9.81 2.00 -16.16
CAT PBD B . -12.31 2.57 -15.05
CAU PBD B . -11.74 1.30 -14.87
NAV PBD B . -5.76 5.06 -11.46
#